data_3MBV
#
_entry.id   3MBV
#
_cell.length_a   61.348
_cell.length_b   61.348
_cell.length_c   109.787
_cell.angle_alpha   90.000
_cell.angle_beta   90.000
_cell.angle_gamma   120.000
#
_symmetry.space_group_name_H-M   'P 63'
#
loop_
_entity.id
_entity.type
_entity.pdbx_description
1 polymer Bacteriorhodopsin
2 non-polymer RETINAL
3 non-polymer '(3R,7R,11R)-3,7,11,15-tetramethylhexadecyl alpha-D-ribopyranoside'
4 water water
#
_entity_poly.entity_id   1
_entity_poly.type   'polypeptide(L)'
_entity_poly.pdbx_seq_one_letter_code
;QAQITGRPEWIWLALGTALMGLGTLYFLVKGMGVSDPDAKKFYAITTLVPAIAFTMYLSMLLGYGLTMVPFGGEQNPIYW
ARYADWLFTTPLLLLDLALLVDADQGTILALVGADGIMIGTGLVGALTKVYSYRFVWWAISTAAMLYILYVLFFGFTSKA
ESMRPEVASTFKVLRNVTVVLWSAYPVVWLIGSEGAGIVPLNIETLLFMVLDVSAKVGFGLILLRSRAIFGEAEAPEPSA
GDGAAATS
;
_entity_poly.pdbx_strand_id   A
#
loop_
_chem_comp.id
_chem_comp.type
_chem_comp.name
_chem_comp.formula
BXC non-polymer '(3R,7R,11R)-3,7,11,15-tetramethylhexadecyl alpha-D-ribopyranoside' 'C25 H50 O5'
RET non-polymer RETINAL 'C20 H28 O'
#
# COMPACT_ATOMS: atom_id res chain seq x y z
N THR A 5 -0.30 -24.17 7.54
CA THR A 5 -0.35 -24.61 6.11
C THR A 5 -1.69 -25.26 5.70
N GLY A 6 -2.74 -25.06 6.49
CA GLY A 6 -4.06 -25.61 6.14
C GLY A 6 -4.69 -24.94 4.91
N ARG A 7 -4.40 -23.65 4.75
CA ARG A 7 -4.97 -22.87 3.67
C ARG A 7 -3.90 -22.70 2.58
N PRO A 8 -4.27 -22.89 1.31
CA PRO A 8 -3.28 -22.88 0.22
C PRO A 8 -2.51 -21.56 0.09
N GLU A 9 -3.17 -20.46 0.44
CA GLU A 9 -2.51 -19.12 0.39
C GLU A 9 -1.38 -18.86 1.41
N TRP A 10 -1.16 -19.80 2.34
CA TRP A 10 -0.17 -19.62 3.44
C TRP A 10 1.20 -19.29 2.88
N ILE A 11 1.53 -19.98 1.79
CA ILE A 11 2.86 -19.77 1.20
C ILE A 11 3.14 -18.30 0.89
N TRP A 12 2.16 -17.62 0.27
CA TRP A 12 2.39 -16.25 -0.20
C TRP A 12 2.41 -15.29 0.99
N LEU A 13 1.67 -15.66 2.04
CA LEU A 13 1.60 -14.87 3.28
C LEU A 13 2.90 -15.04 4.04
N ALA A 14 3.47 -16.25 3.98
CA ALA A 14 4.79 -16.55 4.58
C ALA A 14 5.89 -15.77 3.87
N LEU A 15 5.85 -15.77 2.55
CA LEU A 15 6.86 -15.13 1.77
C LEU A 15 6.72 -13.61 1.91
N GLY A 16 5.46 -13.13 2.01
CA GLY A 16 5.23 -11.70 2.22
C GLY A 16 5.83 -11.26 3.54
N THR A 17 5.57 -12.06 4.56
CA THR A 17 6.07 -11.83 5.89
C THR A 17 7.60 -11.76 5.91
N ALA A 18 8.24 -12.80 5.37
CA ALA A 18 9.70 -12.83 5.24
C ALA A 18 10.25 -11.63 4.52
N LEU A 19 9.67 -11.32 3.35
CA LEU A 19 10.23 -10.26 2.52
C LEU A 19 10.05 -8.84 3.10
N MET A 20 8.92 -8.60 3.77
CA MET A 20 8.70 -7.33 4.48
C MET A 20 9.61 -7.19 5.67
N GLY A 21 9.78 -8.29 6.40
CA GLY A 21 10.73 -8.39 7.51
C GLY A 21 12.16 -8.10 7.10
N LEU A 22 12.67 -8.86 6.12
CA LEU A 22 14.03 -8.62 5.62
C LEU A 22 14.23 -7.20 5.04
N GLY A 23 13.23 -6.70 4.32
CA GLY A 23 13.25 -5.31 3.82
C GLY A 23 13.42 -4.30 4.94
N THR A 24 12.59 -4.44 5.99
CA THR A 24 12.64 -3.55 7.16
C THR A 24 14.02 -3.55 7.80
N LEU A 25 14.56 -4.75 8.02
CA LEU A 25 15.92 -4.87 8.59
C LEU A 25 16.95 -4.25 7.67
N TYR A 26 16.80 -4.42 6.36
CA TYR A 26 17.78 -3.86 5.41
C TYR A 26 17.76 -2.33 5.55
N PHE A 27 16.57 -1.72 5.42
CA PHE A 27 16.43 -0.27 5.54
C PHE A 27 16.95 0.28 6.85
N LEU A 28 16.68 -0.46 7.93
CA LEU A 28 17.06 -0.07 9.29
C LEU A 28 18.57 0.00 9.38
N VAL A 29 19.26 -1.03 8.92
CA VAL A 29 20.73 -1.04 8.87
C VAL A 29 21.28 0.04 7.94
N LYS A 30 20.65 0.22 6.77
CA LYS A 30 21.06 1.26 5.79
C LYS A 30 20.96 2.70 6.29
N GLY A 31 19.96 2.96 7.13
CA GLY A 31 19.77 4.30 7.67
C GLY A 31 20.48 4.58 8.99
N MET A 32 21.28 3.62 9.47
CA MET A 32 22.19 3.87 10.59
C MET A 32 23.31 4.74 10.08
N GLY A 33 23.68 5.72 10.88
CA GLY A 33 24.74 6.65 10.50
C GLY A 33 24.19 7.96 9.97
N VAL A 34 22.92 7.99 9.54
CA VAL A 34 22.40 9.13 8.75
C VAL A 34 22.22 10.31 9.70
N SER A 35 22.90 11.41 9.36
CA SER A 35 22.91 12.61 10.16
C SER A 35 22.03 13.71 9.56
N ASP A 36 21.88 13.69 8.25
CA ASP A 36 21.05 14.65 7.52
C ASP A 36 19.55 14.52 7.92
N PRO A 37 18.98 15.59 8.52
CA PRO A 37 17.60 15.58 9.01
C PRO A 37 16.58 15.24 7.93
N ASP A 38 16.78 15.75 6.72
CA ASP A 38 15.89 15.37 5.61
C ASP A 38 16.04 13.89 5.26
N ALA A 39 17.28 13.40 5.16
CA ALA A 39 17.52 11.96 4.93
C ALA A 39 16.87 11.09 6.04
N LYS A 40 17.06 11.47 7.30
CA LYS A 40 16.37 10.76 8.40
C LYS A 40 14.87 10.65 8.15
N LYS A 41 14.28 11.71 7.59
CA LYS A 41 12.82 11.73 7.40
C LYS A 41 12.43 10.62 6.47
N PHE A 42 13.09 10.57 5.32
CA PHE A 42 12.79 9.60 4.29
C PHE A 42 13.05 8.18 4.77
N TYR A 43 14.14 7.95 5.51
CA TYR A 43 14.38 6.60 6.07
C TYR A 43 13.34 6.18 7.11
N ALA A 44 12.94 7.12 7.95
CA ALA A 44 11.99 6.83 9.01
C ALA A 44 10.68 6.39 8.39
N ILE A 45 10.21 7.17 7.40
CA ILE A 45 8.96 6.88 6.68
C ILE A 45 9.03 5.56 5.93
N THR A 46 10.11 5.39 5.15
CA THR A 46 10.29 4.25 4.21
C THR A 46 10.58 2.90 4.89
N THR A 47 11.13 2.93 6.10
CA THR A 47 11.39 1.75 6.95
C THR A 47 10.14 1.35 7.78
N LEU A 48 9.42 2.38 8.24
CA LEU A 48 8.17 2.14 8.98
C LEU A 48 7.16 1.37 8.07
N VAL A 49 7.12 1.70 6.79
CA VAL A 49 6.14 1.08 5.88
C VAL A 49 6.21 -0.50 5.86
N PRO A 50 7.38 -1.06 5.57
CA PRO A 50 7.49 -2.50 5.60
C PRO A 50 7.50 -3.06 7.02
N ALA A 51 7.79 -2.24 8.02
CA ALA A 51 7.68 -2.70 9.42
C ALA A 51 6.21 -3.06 9.75
N ILE A 52 5.29 -2.14 9.43
CA ILE A 52 3.84 -2.32 9.63
C ILE A 52 3.31 -3.44 8.77
N ALA A 53 3.77 -3.45 7.52
CA ALA A 53 3.39 -4.51 6.58
C ALA A 53 3.78 -5.88 7.09
N PHE A 54 4.99 -6.02 7.63
CA PHE A 54 5.48 -7.27 8.27
C PHE A 54 4.51 -7.78 9.33
N THR A 55 4.05 -6.85 10.17
CA THR A 55 3.21 -7.22 11.27
C THR A 55 1.86 -7.73 10.76
N MET A 56 1.35 -7.10 9.71
CA MET A 56 0.03 -7.46 9.20
C MET A 56 0.08 -8.68 8.31
N TYR A 57 1.20 -8.92 7.61
CA TYR A 57 1.40 -10.22 6.92
C TYR A 57 1.46 -11.36 7.92
N LEU A 58 2.20 -11.17 9.02
CA LEU A 58 2.29 -12.19 10.07
C LEU A 58 0.90 -12.52 10.62
N SER A 59 0.06 -11.49 10.77
CA SER A 59 -1.24 -11.66 11.39
C SER A 59 -2.14 -12.49 10.49
N MET A 60 -2.03 -12.30 9.19
CA MET A 60 -2.77 -13.06 8.22
C MET A 60 -2.23 -14.48 8.25
N LEU A 61 -0.91 -14.63 8.21
CA LEU A 61 -0.29 -15.99 8.22
C LEU A 61 -0.73 -16.82 9.43
N LEU A 62 -0.78 -16.19 10.60
CA LEU A 62 -1.12 -16.88 11.84
C LEU A 62 -2.62 -17.11 11.99
N GLY A 63 -3.43 -16.51 11.11
CA GLY A 63 -4.89 -16.64 11.23
C GLY A 63 -5.63 -15.47 11.86
N TYR A 64 -4.90 -14.53 12.46
CA TYR A 64 -5.53 -13.46 13.27
C TYR A 64 -6.22 -12.39 12.42
N GLY A 65 -5.63 -12.08 11.28
CA GLY A 65 -6.08 -11.03 10.39
C GLY A 65 -7.09 -11.48 9.35
N LEU A 66 -7.77 -12.60 9.63
CA LEU A 66 -8.71 -13.23 8.68
C LEU A 66 -10.05 -13.21 9.37
N THR A 67 -11.11 -12.96 8.59
CA THR A 67 -12.48 -13.06 9.10
C THR A 67 -13.40 -13.62 8.01
N MET A 68 -14.48 -14.25 8.43
CA MET A 68 -15.51 -14.72 7.52
C MET A 68 -16.63 -13.66 7.38
N VAL A 69 -17.03 -13.39 6.14
CA VAL A 69 -18.11 -12.45 5.82
C VAL A 69 -19.19 -13.20 5.01
N PRO A 70 -20.46 -13.17 5.47
CA PRO A 70 -21.50 -13.88 4.74
C PRO A 70 -22.05 -13.02 3.63
N PHE A 71 -21.93 -13.51 2.40
CA PHE A 71 -22.52 -12.84 1.24
C PHE A 71 -22.49 -13.82 0.09
N GLY A 72 -23.38 -13.58 -0.87
CA GLY A 72 -23.61 -14.54 -1.96
C GLY A 72 -24.15 -15.89 -1.48
N GLY A 73 -24.54 -16.00 -0.20
CA GLY A 73 -24.95 -17.26 0.37
C GLY A 73 -23.77 -18.12 0.71
N GLU A 74 -22.62 -17.49 0.93
CA GLU A 74 -21.43 -18.20 1.33
C GLU A 74 -20.89 -17.54 2.60
N GLN A 75 -19.97 -18.22 3.27
CA GLN A 75 -19.14 -17.62 4.29
C GLN A 75 -17.82 -17.33 3.61
N ASN A 76 -17.55 -16.04 3.35
CA ASN A 76 -16.36 -15.69 2.58
C ASN A 76 -15.13 -15.35 3.48
N PRO A 77 -13.96 -15.96 3.20
CA PRO A 77 -12.77 -15.54 3.93
C PRO A 77 -12.31 -14.20 3.37
N ILE A 78 -12.32 -13.17 4.21
CA ILE A 78 -11.79 -11.83 3.91
C ILE A 78 -10.61 -11.54 4.86
N TYR A 79 -9.44 -11.25 4.31
CA TYR A 79 -8.31 -10.82 5.12
C TYR A 79 -8.44 -9.32 5.42
N TRP A 80 -8.99 -9.01 6.60
CA TRP A 80 -9.23 -7.63 7.00
C TRP A 80 -7.97 -6.87 7.33
N ALA A 81 -6.91 -7.59 7.67
CA ALA A 81 -5.63 -7.00 8.11
C ALA A 81 -4.90 -6.20 7.03
N ARG A 82 -5.20 -6.47 5.77
CA ARG A 82 -4.65 -5.65 4.69
C ARG A 82 -5.02 -4.19 4.83
N TYR A 83 -6.25 -3.92 5.25
CA TYR A 83 -6.73 -2.53 5.33
C TYR A 83 -6.11 -1.81 6.53
N ALA A 84 -5.88 -2.56 7.62
CA ALA A 84 -5.10 -2.05 8.78
C ALA A 84 -3.64 -1.70 8.39
N ASP A 85 -3.04 -2.54 7.53
CA ASP A 85 -1.73 -2.25 6.95
C ASP A 85 -1.86 -1.00 6.11
N TRP A 86 -2.75 -1.03 5.12
CA TRP A 86 -2.82 0.06 4.14
C TRP A 86 -3.31 1.35 4.71
N LEU A 87 -4.15 1.29 5.75
CA LEU A 87 -4.63 2.53 6.39
C LEU A 87 -3.45 3.43 6.75
N PHE A 88 -2.32 2.85 7.21
CA PHE A 88 -1.18 3.68 7.66
C PHE A 88 -0.07 3.77 6.61
N THR A 89 0.19 2.66 5.91
CA THR A 89 1.26 2.60 4.96
C THR A 89 1.05 3.40 3.66
N THR A 90 -0.18 3.46 3.14
CA THR A 90 -0.39 4.19 1.87
C THR A 90 -0.23 5.70 2.08
N PRO A 91 -0.72 6.23 3.22
CA PRO A 91 -0.38 7.65 3.45
C PRO A 91 1.11 7.95 3.65
N LEU A 92 1.82 7.13 4.44
CA LEU A 92 3.27 7.30 4.59
C LEU A 92 3.99 7.34 3.25
N LEU A 93 3.60 6.43 2.34
CA LEU A 93 4.15 6.38 0.98
C LEU A 93 3.83 7.65 0.18
N LEU A 94 2.61 8.15 0.32
CA LEU A 94 2.26 9.45 -0.27
C LEU A 94 3.03 10.58 0.36
N LEU A 95 3.30 10.45 1.66
CA LEU A 95 4.11 11.46 2.36
C LEU A 95 5.56 11.48 1.83
N ASP A 96 6.11 10.30 1.52
CA ASP A 96 7.40 10.21 0.82
C ASP A 96 7.44 11.02 -0.50
N LEU A 97 6.43 10.85 -1.34
CA LEU A 97 6.34 11.61 -2.57
C LEU A 97 6.12 13.11 -2.25
N ALA A 98 5.23 13.39 -1.30
CA ALA A 98 4.90 14.78 -0.95
C ALA A 98 6.15 15.58 -0.50
N LEU A 99 6.97 14.97 0.36
CA LEU A 99 8.15 15.66 0.93
C LEU A 99 9.29 15.82 -0.10
N LEU A 100 9.36 14.88 -1.03
CA LEU A 100 10.34 14.91 -2.10
C LEU A 100 10.19 16.16 -2.94
N VAL A 101 8.96 16.59 -3.18
CA VAL A 101 8.67 17.75 -4.02
C VAL A 101 8.27 19.00 -3.20
N ASP A 102 8.49 18.95 -1.90
CA ASP A 102 8.19 20.10 -1.04
C ASP A 102 6.73 20.55 -1.20
N ALA A 103 5.80 19.60 -1.20
CA ALA A 103 4.36 19.88 -1.28
C ALA A 103 3.85 20.84 -0.19
N ASP A 104 2.84 21.63 -0.55
CA ASP A 104 2.13 22.48 0.39
C ASP A 104 1.33 21.58 1.34
N GLN A 105 1.24 21.99 2.60
CA GLN A 105 0.45 21.28 3.59
C GLN A 105 -0.98 20.97 3.08
N GLY A 106 -1.59 21.91 2.34
CA GLY A 106 -2.96 21.73 1.85
C GLY A 106 -3.08 20.54 0.93
N THR A 107 -2.01 20.30 0.15
CA THR A 107 -1.92 19.19 -0.79
C THR A 107 -1.61 17.93 0.01
N ILE A 108 -0.77 18.04 1.04
CA ILE A 108 -0.48 16.87 1.85
C ILE A 108 -1.78 16.36 2.49
N LEU A 109 -2.56 17.24 3.10
CA LEU A 109 -3.83 16.86 3.72
C LEU A 109 -4.84 16.21 2.73
N ALA A 110 -4.97 16.81 1.56
CA ALA A 110 -5.82 16.29 0.49
C ALA A 110 -5.43 14.85 0.09
N LEU A 111 -4.14 14.63 -0.15
CA LEU A 111 -3.68 13.28 -0.47
C LEU A 111 -4.01 12.28 0.65
N VAL A 112 -3.66 12.69 1.88
CA VAL A 112 -3.79 11.81 3.05
C VAL A 112 -5.27 11.56 3.38
N GLY A 113 -6.10 12.58 3.27
CA GLY A 113 -7.55 12.45 3.53
C GLY A 113 -8.21 11.60 2.46
N ALA A 114 -7.87 11.85 1.19
CA ALA A 114 -8.37 11.01 0.09
C ALA A 114 -7.95 9.53 0.23
N ASP A 115 -6.76 9.34 0.77
CA ASP A 115 -6.19 7.99 0.91
C ASP A 115 -6.89 7.24 2.05
N GLY A 116 -7.14 7.92 3.17
CA GLY A 116 -7.99 7.42 4.27
C GLY A 116 -9.39 7.04 3.85
N ILE A 117 -10.00 7.87 3.02
CA ILE A 117 -11.29 7.52 2.43
C ILE A 117 -11.14 6.30 1.48
N MET A 118 -10.10 6.28 0.66
CA MET A 118 -9.88 5.16 -0.24
C MET A 118 -9.84 3.85 0.54
N ILE A 119 -9.07 3.80 1.61
CA ILE A 119 -8.87 2.54 2.33
C ILE A 119 -10.05 2.21 3.24
N GLY A 120 -10.63 3.25 3.85
CA GLY A 120 -11.80 3.12 4.72
C GLY A 120 -13.03 2.59 4.01
N THR A 121 -13.37 3.20 2.85
CA THR A 121 -14.45 2.68 1.96
C THR A 121 -14.13 1.30 1.37
N GLY A 122 -12.86 1.06 1.05
CA GLY A 122 -12.41 -0.26 0.64
C GLY A 122 -12.65 -1.28 1.74
N LEU A 123 -12.32 -0.91 2.99
CA LEU A 123 -12.65 -1.78 4.12
C LEU A 123 -14.15 -2.07 4.32
N VAL A 124 -14.96 -1.01 4.34
CA VAL A 124 -16.41 -1.17 4.37
C VAL A 124 -16.93 -2.06 3.22
N GLY A 125 -16.42 -1.87 2.02
CA GLY A 125 -16.77 -2.77 0.91
C GLY A 125 -16.40 -4.22 1.18
N ALA A 126 -15.26 -4.44 1.83
CA ALA A 126 -14.75 -5.79 2.10
C ALA A 126 -15.62 -6.56 3.10
N LEU A 127 -16.21 -5.80 4.02
CA LEU A 127 -17.00 -6.39 5.11
C LEU A 127 -18.52 -6.28 4.89
N THR A 128 -18.94 -5.67 3.79
CA THR A 128 -20.39 -5.49 3.50
C THR A 128 -21.08 -6.80 3.14
N LYS A 129 -22.29 -6.99 3.68
CA LYS A 129 -22.97 -8.28 3.54
C LYS A 129 -24.01 -8.32 2.44
N VAL A 130 -24.39 -7.16 1.88
CA VAL A 130 -25.19 -7.16 0.69
C VAL A 130 -24.23 -7.03 -0.49
N TYR A 131 -24.21 -8.09 -1.29
CA TYR A 131 -23.27 -8.23 -2.37
C TYR A 131 -23.23 -7.05 -3.30
N SER A 132 -24.40 -6.62 -3.81
CA SER A 132 -24.42 -5.52 -4.79
C SER A 132 -23.78 -4.25 -4.22
N TYR A 133 -24.05 -3.96 -2.96
CA TYR A 133 -23.44 -2.79 -2.28
C TYR A 133 -21.93 -2.81 -2.20
N ARG A 134 -21.32 -4.00 -2.08
CA ARG A 134 -19.85 -4.03 -1.95
C ARG A 134 -19.17 -3.21 -3.08
N PHE A 135 -19.77 -3.26 -4.28
CA PHE A 135 -19.24 -2.63 -5.49
C PHE A 135 -19.54 -1.13 -5.57
N VAL A 136 -20.58 -0.70 -4.83
CA VAL A 136 -20.83 0.72 -4.57
C VAL A 136 -19.61 1.28 -3.78
N TRP A 137 -19.18 0.56 -2.74
CA TRP A 137 -18.00 0.97 -1.98
C TRP A 137 -16.70 0.89 -2.81
N TRP A 138 -16.59 -0.15 -3.64
CA TRP A 138 -15.42 -0.26 -4.54
C TRP A 138 -15.31 0.96 -5.48
N ALA A 139 -16.45 1.39 -6.00
CA ALA A 139 -16.53 2.53 -6.92
C ALA A 139 -16.10 3.81 -6.26
N ILE A 140 -16.63 4.03 -5.05
CA ILE A 140 -16.23 5.18 -4.26
C ILE A 140 -14.73 5.13 -3.91
N SER A 141 -14.19 3.98 -3.51
CA SER A 141 -12.74 3.89 -3.20
C SER A 141 -11.90 4.20 -4.44
N THR A 142 -12.35 3.70 -5.60
CA THR A 142 -11.66 3.98 -6.88
C THR A 142 -11.72 5.45 -7.25
N ALA A 143 -12.81 6.15 -6.95
CA ALA A 143 -12.91 7.60 -7.27
C ALA A 143 -11.86 8.36 -6.48
N ALA A 144 -11.72 7.99 -5.20
CA ALA A 144 -10.68 8.49 -4.30
C ALA A 144 -9.29 8.12 -4.82
N MET A 145 -9.11 6.89 -5.31
CA MET A 145 -7.81 6.56 -5.95
C MET A 145 -7.51 7.48 -7.14
N LEU A 146 -8.50 7.71 -7.98
CA LEU A 146 -8.31 8.50 -9.20
C LEU A 146 -7.98 9.93 -8.84
N TYR A 147 -8.60 10.42 -7.77
CA TYR A 147 -8.27 11.72 -7.24
C TYR A 147 -6.80 11.80 -6.87
N ILE A 148 -6.34 10.80 -6.14
CA ILE A 148 -4.96 10.79 -5.70
C ILE A 148 -4.04 10.80 -6.92
N LEU A 149 -4.31 9.96 -7.93
CA LEU A 149 -3.45 9.90 -9.12
C LEU A 149 -3.41 11.25 -9.85
N TYR A 150 -4.57 11.89 -9.95
CA TYR A 150 -4.70 13.22 -10.51
C TYR A 150 -3.80 14.27 -9.84
N VAL A 151 -3.92 14.41 -8.51
CA VAL A 151 -3.02 15.26 -7.75
C VAL A 151 -1.53 14.96 -8.02
N LEU A 152 -1.15 13.69 -8.05
CA LEU A 152 0.27 13.36 -8.29
C LEU A 152 0.77 13.86 -9.64
N PHE A 153 -0.10 13.88 -10.65
CA PHE A 153 0.26 14.37 -11.99
C PHE A 153 0.02 15.84 -12.21
N PHE A 154 -1.03 16.39 -11.61
CA PHE A 154 -1.47 17.75 -11.91
C PHE A 154 -1.50 18.71 -10.72
N GLY A 155 -1.20 18.23 -9.52
CA GLY A 155 -1.33 19.00 -8.29
C GLY A 155 -0.04 19.69 -7.86
N PHE A 156 1.11 19.09 -8.19
CA PHE A 156 2.38 19.70 -7.86
C PHE A 156 2.81 20.69 -8.96
N SER A 162 12.05 25.57 -9.70
CA SER A 162 12.94 25.65 -8.53
C SER A 162 13.41 24.27 -8.02
N MET A 163 12.70 23.22 -8.42
CA MET A 163 12.94 21.83 -7.96
C MET A 163 14.27 21.23 -8.51
N ARG A 164 15.14 20.73 -7.62
CA ARG A 164 16.43 20.12 -8.06
C ARG A 164 16.19 18.99 -9.08
N PRO A 165 17.11 18.80 -10.04
CA PRO A 165 16.87 17.79 -11.07
C PRO A 165 16.88 16.33 -10.61
N GLU A 166 17.64 16.02 -9.55
CA GLU A 166 17.62 14.66 -8.98
C GLU A 166 16.29 14.38 -8.29
N VAL A 167 15.71 15.43 -7.70
CA VAL A 167 14.43 15.32 -7.03
C VAL A 167 13.34 15.15 -8.08
N ALA A 168 13.34 16.02 -9.10
CA ALA A 168 12.45 15.87 -10.25
C ALA A 168 12.51 14.48 -10.86
N SER A 169 13.73 13.95 -11.00
CA SER A 169 13.91 12.69 -11.72
C SER A 169 13.43 11.51 -10.90
N THR A 170 13.71 11.53 -9.59
CA THR A 170 13.35 10.42 -8.70
C THR A 170 11.84 10.43 -8.45
N PHE A 171 11.29 11.65 -8.33
CA PHE A 171 9.86 11.80 -8.22
C PHE A 171 9.16 11.21 -9.45
N LYS A 172 9.64 11.49 -10.65
CA LYS A 172 8.94 10.97 -11.84
C LYS A 172 9.00 9.44 -11.93
N VAL A 173 10.15 8.86 -11.59
CA VAL A 173 10.25 7.39 -11.42
C VAL A 173 9.28 6.81 -10.38
N LEU A 174 9.37 7.30 -9.14
CA LEU A 174 8.51 6.82 -8.05
C LEU A 174 6.99 7.07 -8.32
N ARG A 175 6.66 8.15 -9.00
CA ARG A 175 5.28 8.44 -9.40
C ARG A 175 4.77 7.43 -10.46
N ASN A 176 5.67 7.02 -11.35
CA ASN A 176 5.29 6.06 -12.36
C ASN A 176 5.17 4.69 -11.71
N VAL A 177 6.07 4.36 -10.79
CA VAL A 177 5.95 3.10 -10.02
C VAL A 177 4.62 3.05 -9.26
N THR A 178 4.21 4.19 -8.72
CA THR A 178 2.96 4.28 -7.93
C THR A 178 1.68 4.13 -8.75
N VAL A 179 1.61 4.89 -9.85
CA VAL A 179 0.48 4.77 -10.77
C VAL A 179 0.25 3.34 -11.25
N VAL A 180 1.32 2.70 -11.71
CA VAL A 180 1.20 1.34 -12.25
C VAL A 180 0.77 0.30 -11.19
N LEU A 181 1.37 0.39 -10.01
CA LEU A 181 1.18 -0.63 -9.00
C LEU A 181 -0.15 -0.44 -8.27
N TRP A 182 -0.47 0.81 -7.94
CA TRP A 182 -1.67 1.12 -7.17
C TRP A 182 -2.95 0.84 -7.96
N SER A 183 -2.90 1.13 -9.26
CA SER A 183 -4.06 0.99 -10.17
C SER A 183 -4.48 -0.46 -10.34
N ALA A 184 -3.53 -1.36 -9.99
CA ALA A 184 -3.73 -2.79 -10.07
C ALA A 184 -4.54 -3.34 -8.90
N TYR A 185 -4.37 -2.75 -7.72
CA TYR A 185 -5.13 -3.15 -6.51
C TYR A 185 -6.67 -3.25 -6.65
N PRO A 186 -7.35 -2.19 -7.18
CA PRO A 186 -8.81 -2.25 -7.43
C PRO A 186 -9.21 -3.36 -8.41
N VAL A 187 -8.33 -3.65 -9.37
CA VAL A 187 -8.54 -4.73 -10.32
C VAL A 187 -8.48 -6.08 -9.59
N VAL A 188 -7.39 -6.36 -8.86
CA VAL A 188 -7.30 -7.64 -8.09
C VAL A 188 -8.50 -7.85 -7.15
N TRP A 189 -8.93 -6.76 -6.52
CA TRP A 189 -10.01 -6.82 -5.53
C TRP A 189 -11.35 -7.17 -6.20
N LEU A 190 -11.62 -6.52 -7.32
CA LEU A 190 -12.83 -6.76 -8.13
C LEU A 190 -12.98 -8.20 -8.62
N ILE A 191 -11.89 -8.78 -9.12
CA ILE A 191 -11.93 -10.15 -9.69
C ILE A 191 -11.65 -11.23 -8.61
N GLY A 192 -11.04 -10.84 -7.50
CA GLY A 192 -10.80 -11.78 -6.40
C GLY A 192 -12.02 -12.09 -5.53
N SER A 193 -11.74 -12.64 -4.36
CA SER A 193 -12.78 -13.14 -3.45
C SER A 193 -13.51 -12.02 -2.65
N GLU A 194 -12.98 -10.80 -2.61
CA GLU A 194 -13.75 -9.68 -2.10
C GLU A 194 -14.81 -9.20 -3.05
N GLY A 195 -14.59 -9.47 -4.35
CA GLY A 195 -15.42 -8.93 -5.43
C GLY A 195 -16.19 -10.02 -6.16
N ALA A 196 -15.86 -10.28 -7.42
CA ALA A 196 -16.67 -11.13 -8.26
C ALA A 196 -16.35 -12.60 -8.05
N GLY A 197 -15.17 -12.90 -7.49
CA GLY A 197 -14.79 -14.25 -7.14
C GLY A 197 -14.44 -15.10 -8.34
N ILE A 198 -13.74 -14.51 -9.31
CA ILE A 198 -13.31 -15.18 -10.55
C ILE A 198 -11.95 -15.84 -10.33
N VAL A 199 -11.05 -15.10 -9.67
CA VAL A 199 -9.74 -15.57 -9.31
C VAL A 199 -9.85 -16.09 -7.88
N PRO A 200 -9.32 -17.28 -7.59
CA PRO A 200 -9.42 -17.76 -6.22
C PRO A 200 -8.44 -17.05 -5.22
N LEU A 201 -8.75 -17.17 -3.94
CA LEU A 201 -8.02 -16.45 -2.89
C LEU A 201 -6.49 -16.70 -2.89
N ASN A 202 -6.05 -17.93 -3.15
CA ASN A 202 -4.61 -18.18 -3.16
C ASN A 202 -3.92 -17.34 -4.21
N ILE A 203 -4.53 -17.22 -5.39
CA ILE A 203 -3.93 -16.46 -6.48
C ILE A 203 -4.04 -14.99 -6.16
N GLU A 204 -5.17 -14.59 -5.60
CA GLU A 204 -5.34 -13.21 -5.17
C GLU A 204 -4.27 -12.81 -4.13
N THR A 205 -4.00 -13.72 -3.20
CA THR A 205 -3.04 -13.42 -2.15
C THR A 205 -1.67 -13.25 -2.81
N LEU A 206 -1.38 -14.10 -3.79
CA LEU A 206 -0.12 -14.01 -4.53
C LEU A 206 -0.03 -12.67 -5.22
N LEU A 207 -1.10 -12.23 -5.88
CA LEU A 207 -1.11 -10.91 -6.55
C LEU A 207 -0.84 -9.73 -5.61
N PHE A 208 -1.52 -9.69 -4.45
CA PHE A 208 -1.28 -8.65 -3.45
C PHE A 208 0.17 -8.72 -2.85
N MET A 209 0.73 -9.92 -2.64
CA MET A 209 2.11 -10.03 -2.10
C MET A 209 3.12 -9.46 -3.09
N VAL A 210 3.01 -9.80 -4.37
CA VAL A 210 3.88 -9.21 -5.39
C VAL A 210 3.70 -7.71 -5.46
N LEU A 211 2.45 -7.26 -5.41
CA LEU A 211 2.10 -5.81 -5.46
C LEU A 211 2.67 -5.05 -4.24
N ASP A 212 2.38 -5.58 -3.06
CA ASP A 212 2.86 -4.92 -1.80
C ASP A 212 4.39 -4.89 -1.68
N VAL A 213 5.04 -6.02 -1.97
CA VAL A 213 6.51 -6.06 -1.86
C VAL A 213 7.14 -5.08 -2.85
N SER A 214 6.59 -4.99 -4.06
CA SER A 214 7.09 -4.00 -5.05
C SER A 214 6.82 -2.56 -4.63
N ALA A 215 5.64 -2.32 -4.08
CA ALA A 215 5.21 -0.97 -3.73
C ALA A 215 5.89 -0.43 -2.44
N LYS A 216 6.49 -1.32 -1.63
CA LYS A 216 7.02 -0.94 -0.33
C LYS A 216 8.57 -1.09 -0.41
N VAL A 217 9.05 -2.33 -0.54
CA VAL A 217 10.48 -2.64 -0.62
C VAL A 217 11.10 -2.18 -1.95
N GLY A 218 10.41 -2.45 -3.05
CA GLY A 218 10.84 -1.98 -4.37
C GLY A 218 10.86 -0.47 -4.47
N PHE A 219 9.74 0.16 -4.16
CA PHE A 219 9.70 1.63 -3.96
C PHE A 219 10.82 2.12 -3.03
N GLY A 220 10.97 1.53 -1.87
CA GLY A 220 11.95 2.02 -0.89
C GLY A 220 13.39 1.88 -1.33
N LEU A 221 13.67 0.84 -2.12
CA LEU A 221 15.02 0.67 -2.72
C LEU A 221 15.35 1.80 -3.67
N ILE A 222 14.37 2.22 -4.48
CA ILE A 222 14.59 3.29 -5.49
C ILE A 222 14.78 4.63 -4.80
N LEU A 223 13.93 4.89 -3.80
CA LEU A 223 13.98 6.14 -3.07
C LEU A 223 15.25 6.28 -2.23
N LEU A 224 15.58 5.22 -1.49
CA LEU A 224 16.68 5.33 -0.52
C LEU A 224 18.08 5.26 -1.15
N ARG A 225 18.14 4.89 -2.43
CA ARG A 225 19.37 4.83 -3.22
C ARG A 225 19.61 6.15 -3.93
N SER A 226 18.63 7.04 -3.86
CA SER A 226 18.67 8.29 -4.59
C SER A 226 19.34 9.41 -3.83
N ARG A 227 19.95 10.33 -4.56
CA ARG A 227 20.46 11.56 -3.94
C ARG A 227 19.38 12.56 -3.53
N ALA A 228 18.15 12.39 -4.05
CA ALA A 228 17.01 13.28 -3.71
C ALA A 228 16.69 13.34 -2.22
N ILE A 229 17.02 12.29 -1.45
CA ILE A 229 16.62 12.27 -0.04
C ILE A 229 17.51 13.18 0.85
N PHE A 230 18.61 13.67 0.28
CA PHE A 230 19.55 14.52 1.00
C PHE A 230 19.39 15.98 0.68
N GLY A 231 19.31 16.79 1.73
CA GLY A 231 19.31 18.23 1.56
C GLY A 231 20.71 18.64 1.15
C1 RET B . -8.90 -1.31 -2.77
C2 RET B . -10.32 -1.79 -3.00
C3 RET B . -11.35 -0.76 -3.40
C4 RET B . -10.93 0.06 -4.62
C5 RET B . -9.50 0.51 -4.49
C6 RET B . -8.52 -0.12 -3.70
C7 RET B . -7.21 0.41 -3.70
C8 RET B . -6.08 -0.02 -2.99
C9 RET B . -4.78 0.54 -3.02
C10 RET B . -3.82 -0.10 -2.21
C11 RET B . -2.47 0.25 -2.16
C12 RET B . -1.69 -0.47 -1.27
C13 RET B . -0.33 -0.26 -1.03
C14 RET B . 0.23 -1.05 -0.02
C15 RET B . 1.54 -1.09 0.40
C16 RET B . -8.72 -0.83 -1.31
C17 RET B . -7.99 -2.53 -3.02
C18 RET B . -9.13 1.68 -5.44
C19 RET B . -4.32 1.73 -3.98
C20 RET B . 0.54 0.76 -1.85
CAA BXC C . 12.07 -10.52 17.14
CAB BXC C . 11.76 -11.07 15.73
CAC BXC C . 10.32 -11.56 15.63
CAD BXC C . 12.18 -10.07 14.61
CAE BXC C . 11.06 -9.18 14.00
CAF BXC C . 11.31 -7.66 14.23
CAG BXC C . 11.31 -6.77 12.96
CAH BXC C . 11.35 -7.57 11.66
CAI BXC C . 10.10 -5.81 12.97
CAJ BXC C . 10.23 -4.69 14.01
CAK BXC C . 10.19 -3.30 13.33
CAL BXC C . 10.27 -2.11 14.30
CAM BXC C . 10.13 -2.49 15.78
CAN BXC C . 11.58 -1.35 14.04
CAO BXC C . 11.35 -0.29 12.96
CAP BXC C . 11.78 1.07 13.49
CAQ BXC C . 11.48 2.18 12.50
CAR BXC C . 10.73 3.31 13.21
CAS BXC C . 12.83 2.63 11.91
CAT BXC C . 12.85 4.08 11.47
OAU BXC C . 14.28 4.26 11.28
CAV BXC C . 14.63 5.52 10.68
OAW BXC C . 14.22 6.63 11.52
CAX BXC C . 15.28 7.14 12.32
CAY BXC C . 16.15 7.87 11.31
OAZ BXC C . 17.11 8.68 11.96
CBA BXC C . 16.83 6.90 10.34
OBB BXC C . 18.18 6.69 10.73
CBC BXC C . 16.13 5.50 10.24
OBD BXC C . 16.89 4.48 10.91
#